data_2AM1
#
_entry.id   2AM1
#
_cell.length_a   116.271
_cell.length_b   116.271
_cell.length_c   161.389
_cell.angle_alpha   90
_cell.angle_beta   90
_cell.angle_gamma   120
#
_symmetry.space_group_name_H-M   'P 61 2 2'
#
loop_
_entity.id
_entity.type
_entity.pdbx_description
1 polymer 'UDP-N-acetylmuramoylalanine-D-glutamyl-lysine-D-alanyl-D-alanine ligase, MurF protein'
2 non-polymer 2,4-DICHLORO-N-(3-CYANO-4,5,6,7-TETRAHYDRO-BENZOTHIOPHEN-2YL)-5-(MORPHOLINE-4-SULFONYL)-BENZAMIDE
3 non-polymer GLYCEROL
4 water water
#
_entity_poly.entity_id   1
_entity_poly.type   'polypeptide(L)'
_entity_poly.pdbx_seq_one_letter_code
;(MSE)KLTIHEIAQVVGAKNDISIFEDTQLEKAEFDSRLIGTGDLFVPLKGARDGHDFIETAFENGAAVTLSEKEVSNHP
YILVDDVLTAFQSLASYYLEKTTVDVFAVTGSNGKTTTKD(MSE)LAHLLSTRYKTYKTQGNYNNEIGLPYTVLH(MSE)
PEGTEKLVLE(MSE)GQDHLGDIHLLSELARPKTAIVTLVGEAHLAFFKDRSEIAKGK(MSE)QIADG(MSE)ASGSLLL
APADPIVEDYLPIDKKVVRFGQGAELEITDLVERKDSLTFKANFLEQALDLPVTGKYNATNA(MSE)IASYVALQEGVSE
EQIRLAFQHLELTRNRTEWKKAANGADILSDVYNANPTA(MSE)KLILETFSAIPANEGGKKIAVLAD(MSE)KELGDQS
VQLHNQ(MSE)ILSLSPDVLDIVIFYGEDIAQLAQLASQ(MSE)FPIGHVYYFKKTEDQDQFEDLVKQVKESLGAHDQIL
LKGSNS(MSE)NLAKLVESLEN
;
_entity_poly.pdbx_strand_id   A
#
# COMPACT_ATOMS: atom_id res chain seq x y z
N LYS A 2 -21.99 -3.37 -8.14
CA LYS A 2 -23.19 -2.97 -8.87
C LYS A 2 -22.84 -2.82 -10.35
N LEU A 3 -22.56 -3.95 -11.00
CA LEU A 3 -22.20 -3.96 -12.42
C LEU A 3 -22.59 -5.28 -13.10
N THR A 4 -22.68 -5.25 -14.42
CA THR A 4 -23.01 -6.44 -15.21
C THR A 4 -21.97 -6.58 -16.32
N ILE A 5 -21.68 -7.82 -16.69
CA ILE A 5 -20.65 -8.10 -17.70
C ILE A 5 -20.73 -7.32 -19.01
N HIS A 6 -21.92 -7.02 -19.51
CA HIS A 6 -22.00 -6.27 -20.76
C HIS A 6 -21.69 -4.81 -20.44
N GLU A 7 -22.07 -4.39 -19.24
CA GLU A 7 -21.83 -3.02 -18.80
C GLU A 7 -20.31 -2.83 -18.83
N ILE A 8 -19.62 -3.69 -18.08
CA ILE A 8 -18.16 -3.66 -17.99
C ILE A 8 -17.51 -3.68 -19.35
N ALA A 9 -18.00 -4.57 -20.20
CA ALA A 9 -17.47 -4.72 -21.56
C ALA A 9 -17.59 -3.41 -22.34
N GLN A 10 -18.75 -2.77 -22.22
CA GLN A 10 -19.03 -1.50 -22.88
C GLN A 10 -18.09 -0.42 -22.36
N VAL A 11 -17.99 -0.33 -21.04
CA VAL A 11 -17.13 0.66 -20.39
C VAL A 11 -15.67 0.48 -20.75
N VAL A 12 -15.24 -0.78 -20.92
CA VAL A 12 -13.84 -1.05 -21.22
C VAL A 12 -13.46 -1.11 -22.70
N GLY A 13 -14.44 -1.08 -23.58
CA GLY A 13 -14.15 -1.13 -24.99
C GLY A 13 -13.77 -2.52 -25.45
N ALA A 14 -14.50 -3.52 -24.93
CA ALA A 14 -14.26 -4.91 -25.29
C ALA A 14 -13.93 -5.04 -26.78
N LYS A 15 -12.87 -5.78 -27.09
CA LYS A 15 -12.48 -6.00 -28.48
C LYS A 15 -13.24 -7.18 -29.05
N ASN A 16 -13.73 -8.04 -28.16
CA ASN A 16 -14.52 -9.18 -28.59
C ASN A 16 -15.93 -8.63 -28.76
N ASP A 17 -16.94 -9.29 -28.21
CA ASP A 17 -18.29 -8.76 -28.37
C ASP A 17 -19.10 -8.74 -27.06
N ILE A 18 -19.33 -9.93 -26.50
CA ILE A 18 -20.08 -10.11 -25.25
C ILE A 18 -21.51 -10.57 -25.49
N SER A 19 -22.10 -10.09 -26.59
CA SER A 19 -23.48 -10.47 -26.91
C SER A 19 -23.61 -11.99 -26.79
N ILE A 20 -22.52 -12.69 -27.10
CA ILE A 20 -22.46 -14.14 -27.04
C ILE A 20 -22.60 -14.67 -25.62
N PHE A 21 -22.31 -13.84 -24.63
CA PHE A 21 -22.41 -14.28 -23.25
C PHE A 21 -23.61 -13.77 -22.48
N GLU A 22 -23.99 -14.56 -21.49
CA GLU A 22 -25.13 -14.29 -20.63
C GLU A 22 -25.43 -12.85 -20.24
N ASP A 23 -24.40 -12.09 -19.84
CA ASP A 23 -24.62 -10.71 -19.41
C ASP A 23 -25.24 -10.77 -18.02
N THR A 24 -24.51 -11.37 -17.09
CA THR A 24 -24.97 -11.53 -15.72
C THR A 24 -24.41 -10.50 -14.74
N GLN A 25 -25.21 -10.14 -13.73
CA GLN A 25 -24.76 -9.17 -12.72
C GLN A 25 -23.63 -9.83 -11.94
N LEU A 26 -22.54 -9.09 -11.76
CA LEU A 26 -21.36 -9.62 -11.08
C LEU A 26 -21.36 -9.45 -9.57
N GLU A 27 -20.49 -10.21 -8.91
CA GLU A 27 -20.40 -10.17 -7.45
C GLU A 27 -19.31 -9.20 -6.99
N LYS A 28 -18.05 -9.51 -7.30
CA LYS A 28 -16.93 -8.64 -6.93
C LYS A 28 -15.71 -8.86 -7.82
N ALA A 29 -14.75 -7.94 -7.76
CA ALA A 29 -13.55 -8.04 -8.59
C ALA A 29 -12.34 -8.49 -7.77
N GLU A 30 -11.58 -9.43 -8.33
CA GLU A 30 -10.40 -9.96 -7.65
C GLU A 30 -9.29 -10.27 -8.63
N PHE A 31 -8.05 -9.94 -8.28
CA PHE A 31 -6.90 -10.24 -9.15
C PHE A 31 -6.12 -11.44 -8.57
N ASP A 32 -6.56 -11.89 -7.40
CA ASP A 32 -5.96 -13.03 -6.72
C ASP A 32 -6.92 -14.22 -6.84
N SER A 33 -6.69 -15.05 -7.85
CA SER A 33 -7.50 -16.25 -8.12
C SER A 33 -7.96 -16.92 -6.83
N ARG A 34 -7.03 -17.04 -5.91
CA ARG A 34 -7.25 -17.67 -4.62
C ARG A 34 -8.33 -16.94 -3.80
N LEU A 35 -8.83 -15.82 -4.32
CA LEU A 35 -9.83 -15.02 -3.61
C LEU A 35 -11.20 -14.99 -4.29
N ILE A 36 -11.24 -15.45 -5.54
CA ILE A 36 -12.45 -15.48 -6.33
C ILE A 36 -13.57 -16.28 -5.68
N GLY A 37 -14.80 -15.82 -5.90
CA GLY A 37 -15.97 -16.49 -5.36
C GLY A 37 -16.93 -16.69 -6.52
N THR A 38 -18.08 -17.28 -6.25
CA THR A 38 -19.05 -17.51 -7.31
C THR A 38 -19.61 -16.21 -7.88
N GLY A 39 -19.45 -16.02 -9.19
CA GLY A 39 -19.97 -14.83 -9.84
C GLY A 39 -19.04 -13.63 -9.88
N ASP A 40 -17.83 -13.81 -9.36
CA ASP A 40 -16.84 -12.74 -9.35
C ASP A 40 -16.27 -12.44 -10.72
N LEU A 41 -15.62 -11.29 -10.83
CA LEU A 41 -14.96 -10.87 -12.06
C LEU A 41 -13.49 -11.10 -11.85
N PHE A 42 -12.86 -11.83 -12.76
CA PHE A 42 -11.44 -12.08 -12.61
C PHE A 42 -10.65 -11.06 -13.39
N VAL A 43 -9.63 -10.52 -12.74
CA VAL A 43 -8.76 -9.51 -13.34
C VAL A 43 -7.29 -9.96 -13.27
N PRO A 44 -6.81 -10.60 -14.34
CA PRO A 44 -5.47 -11.15 -14.57
C PRO A 44 -4.40 -10.08 -14.77
N LEU A 45 -3.54 -9.91 -13.76
CA LEU A 45 -2.49 -8.90 -13.86
C LEU A 45 -1.10 -9.48 -13.90
N LYS A 46 -0.14 -8.67 -14.34
CA LYS A 46 1.26 -9.08 -14.39
C LYS A 46 1.83 -9.00 -12.98
N GLY A 47 2.01 -10.13 -12.32
CA GLY A 47 2.56 -10.13 -10.98
C GLY A 47 3.82 -10.96 -10.95
N ALA A 48 4.00 -11.78 -9.91
CA ALA A 48 5.16 -12.66 -9.84
C ALA A 48 5.05 -13.50 -11.10
N ARG A 49 3.83 -13.89 -11.42
CA ARG A 49 3.54 -14.65 -12.60
C ARG A 49 2.40 -13.92 -13.29
N ASP A 50 2.20 -14.19 -14.58
CA ASP A 50 1.10 -13.51 -15.24
C ASP A 50 -0.20 -14.07 -14.71
N GLY A 51 -1.16 -13.17 -14.46
CA GLY A 51 -2.45 -13.60 -13.95
C GLY A 51 -3.26 -14.46 -14.91
N HIS A 52 -3.01 -14.29 -16.21
CA HIS A 52 -3.72 -15.05 -17.25
C HIS A 52 -3.56 -16.55 -17.02
N ASP A 53 -2.42 -16.97 -16.45
CA ASP A 53 -2.22 -18.38 -16.18
C ASP A 53 -3.37 -18.89 -15.32
N PHE A 54 -3.70 -18.15 -14.26
CA PHE A 54 -4.74 -18.52 -13.31
C PHE A 54 -6.19 -18.36 -13.72
N ILE A 55 -6.44 -17.94 -14.95
CA ILE A 55 -7.81 -17.78 -15.39
C ILE A 55 -8.64 -19.02 -15.11
N GLU A 56 -8.17 -20.17 -15.57
CA GLU A 56 -8.89 -21.43 -15.37
C GLU A 56 -9.14 -21.70 -13.89
N THR A 57 -8.13 -21.51 -13.06
CA THR A 57 -8.32 -21.73 -11.63
C THR A 57 -9.36 -20.74 -11.09
N ALA A 58 -9.57 -19.65 -11.83
CA ALA A 58 -10.54 -18.64 -11.40
C ALA A 58 -11.96 -19.17 -11.55
N PHE A 59 -12.35 -19.53 -12.75
CA PHE A 59 -13.71 -20.06 -12.97
C PHE A 59 -13.99 -21.27 -12.09
N GLU A 60 -12.97 -22.10 -11.87
CA GLU A 60 -13.12 -23.27 -11.03
C GLU A 60 -13.58 -22.81 -9.64
N ASN A 61 -13.20 -21.58 -9.29
CA ASN A 61 -13.57 -21.02 -7.99
C ASN A 61 -14.86 -20.20 -8.01
N GLY A 62 -15.41 -19.96 -9.20
CA GLY A 62 -16.65 -19.21 -9.28
C GLY A 62 -16.73 -18.09 -10.30
N ALA A 63 -15.58 -17.66 -10.81
CA ALA A 63 -15.59 -16.57 -11.79
C ALA A 63 -16.75 -16.71 -12.76
N ALA A 64 -17.45 -15.60 -13.00
CA ALA A 64 -18.57 -15.57 -13.93
C ALA A 64 -18.11 -14.95 -15.24
N VAL A 65 -16.95 -14.33 -15.22
CA VAL A 65 -16.40 -13.70 -16.41
C VAL A 65 -14.94 -13.32 -16.12
N THR A 66 -14.20 -12.92 -17.14
CA THR A 66 -12.82 -12.55 -16.90
C THR A 66 -12.32 -11.55 -17.91
N LEU A 67 -11.51 -10.61 -17.43
CA LEU A 67 -10.91 -9.64 -18.31
C LEU A 67 -9.81 -10.48 -18.91
N SER A 68 -9.28 -10.05 -20.05
CA SER A 68 -8.23 -10.82 -20.70
C SER A 68 -7.66 -10.12 -21.91
N GLU A 69 -6.39 -10.38 -22.17
CA GLU A 69 -5.73 -9.79 -23.33
C GLU A 69 -5.76 -10.78 -24.48
N LYS A 70 -6.40 -11.93 -24.27
CA LYS A 70 -6.49 -12.94 -25.30
C LYS A 70 -7.76 -13.79 -25.20
N GLU A 71 -8.17 -14.37 -26.33
CA GLU A 71 -9.36 -15.20 -26.42
C GLU A 71 -9.33 -16.26 -25.33
N VAL A 72 -10.44 -16.47 -24.63
CA VAL A 72 -10.46 -17.45 -23.57
C VAL A 72 -11.18 -18.75 -23.96
N SER A 73 -12.21 -18.63 -24.79
CA SER A 73 -12.98 -19.79 -25.27
C SER A 73 -13.70 -20.60 -24.20
N ASN A 74 -14.95 -20.96 -24.49
CA ASN A 74 -15.76 -21.74 -23.58
C ASN A 74 -15.88 -21.09 -22.20
N HIS A 75 -15.67 -19.77 -22.16
CA HIS A 75 -15.76 -19.01 -20.91
C HIS A 75 -16.08 -17.55 -21.20
N PRO A 76 -16.92 -16.92 -20.36
CA PRO A 76 -17.28 -15.52 -20.57
C PRO A 76 -16.01 -14.67 -20.41
N TYR A 77 -15.63 -13.95 -21.45
CA TYR A 77 -14.44 -13.14 -21.31
C TYR A 77 -14.55 -11.80 -22.03
N ILE A 78 -13.98 -10.77 -21.39
CA ILE A 78 -13.97 -9.43 -21.95
C ILE A 78 -12.55 -9.21 -22.44
N LEU A 79 -12.40 -9.02 -23.74
CA LEU A 79 -11.08 -8.84 -24.36
C LEU A 79 -10.60 -7.38 -24.48
N VAL A 80 -9.47 -7.07 -23.85
CA VAL A 80 -8.93 -5.71 -23.89
C VAL A 80 -7.43 -5.65 -24.21
N ASP A 81 -6.94 -4.47 -24.56
CA ASP A 81 -5.52 -4.29 -24.89
C ASP A 81 -4.61 -4.45 -23.67
N ASP A 82 -5.12 -4.08 -22.50
CA ASP A 82 -4.35 -4.16 -21.26
C ASP A 82 -5.32 -4.32 -20.09
N VAL A 83 -5.14 -5.35 -19.29
CA VAL A 83 -6.05 -5.57 -18.17
C VAL A 83 -5.99 -4.52 -17.07
N LEU A 84 -4.80 -4.03 -16.73
CA LEU A 84 -4.70 -3.02 -15.67
C LEU A 84 -5.40 -1.74 -16.11
N THR A 85 -5.19 -1.35 -17.36
CA THR A 85 -5.82 -0.15 -17.88
C THR A 85 -7.32 -0.31 -17.84
N ALA A 86 -7.78 -1.49 -18.24
CA ALA A 86 -9.20 -1.81 -18.25
C ALA A 86 -9.77 -1.74 -16.83
N PHE A 87 -9.00 -2.24 -15.87
CA PHE A 87 -9.37 -2.29 -14.46
C PHE A 87 -9.52 -0.86 -13.90
N GLN A 88 -8.61 0.02 -14.32
CA GLN A 88 -8.59 1.40 -13.88
C GLN A 88 -9.76 2.19 -14.47
N SER A 89 -10.01 2.01 -15.76
CA SER A 89 -11.12 2.69 -16.42
C SER A 89 -12.41 2.25 -15.76
N LEU A 90 -12.48 0.98 -15.40
CA LEU A 90 -13.66 0.44 -14.76
C LEU A 90 -13.85 1.02 -13.36
N ALA A 91 -12.77 1.24 -12.63
CA ALA A 91 -12.87 1.81 -11.28
C ALA A 91 -13.33 3.25 -11.38
N SER A 92 -12.81 3.92 -12.41
CA SER A 92 -13.11 5.32 -12.69
C SER A 92 -14.61 5.46 -12.98
N TYR A 93 -15.12 4.58 -13.83
CA TYR A 93 -16.53 4.55 -14.21
C TYR A 93 -17.40 4.25 -13.00
N TYR A 94 -16.93 3.36 -12.14
CA TYR A 94 -17.72 3.01 -10.98
C TYR A 94 -17.85 4.23 -10.07
N LEU A 95 -16.86 5.11 -10.11
CA LEU A 95 -16.89 6.30 -9.28
C LEU A 95 -17.92 7.27 -9.84
N GLU A 96 -18.04 7.30 -11.16
CA GLU A 96 -18.99 8.17 -11.83
C GLU A 96 -20.42 7.66 -11.67
N LYS A 97 -20.58 6.35 -11.62
CA LYS A 97 -21.91 5.77 -11.46
C LYS A 97 -22.39 5.94 -10.02
N THR A 98 -21.45 5.86 -9.10
CA THR A 98 -21.73 5.97 -7.66
C THR A 98 -21.85 7.40 -7.13
N THR A 99 -21.11 8.32 -7.74
CA THR A 99 -21.05 9.72 -7.31
C THR A 99 -20.63 9.83 -5.85
N VAL A 100 -19.89 8.84 -5.36
CA VAL A 100 -19.42 8.85 -3.98
C VAL A 100 -18.38 9.97 -3.77
N ASP A 101 -18.33 10.55 -2.59
CA ASP A 101 -17.33 11.58 -2.37
C ASP A 101 -16.01 10.90 -2.09
N VAL A 102 -14.98 11.33 -2.81
CA VAL A 102 -13.63 10.78 -2.67
C VAL A 102 -12.70 11.74 -1.91
N PHE A 103 -11.95 11.18 -0.98
CA PHE A 103 -11.01 11.96 -0.21
C PHE A 103 -9.65 11.32 -0.43
N ALA A 104 -8.77 12.02 -1.11
CA ALA A 104 -7.47 11.47 -1.40
C ALA A 104 -6.48 11.94 -0.39
N VAL A 105 -5.72 11.01 0.13
CA VAL A 105 -4.70 11.32 1.10
C VAL A 105 -3.41 10.70 0.61
N THR A 106 -2.34 11.47 0.68
CA THR A 106 -1.09 10.96 0.25
C THR A 106 -0.06 11.11 1.32
N GLY A 107 0.51 9.98 1.70
CA GLY A 107 1.55 9.97 2.71
C GLY A 107 1.13 9.14 3.89
N SER A 108 1.57 7.88 3.92
CA SER A 108 1.24 7.01 5.03
C SER A 108 1.89 7.63 6.26
N ASN A 109 2.59 6.84 7.05
CA ASN A 109 3.24 7.39 8.23
C ASN A 109 3.74 6.31 9.17
N GLY A 110 2.85 5.85 10.04
CA GLY A 110 3.22 4.83 11.00
C GLY A 110 2.08 4.38 11.89
N LYS A 111 2.00 4.97 13.09
CA LYS A 111 0.99 4.61 14.07
C LYS A 111 -0.46 4.74 13.63
N THR A 112 -0.85 5.95 13.24
CA THR A 112 -2.21 6.20 12.81
C THR A 112 -2.20 7.17 11.61
N THR A 113 -2.25 6.59 10.41
CA THR A 113 -2.24 7.36 9.19
C THR A 113 -3.45 8.27 9.04
N THR A 114 -3.22 9.42 8.39
CA THR A 114 -4.26 10.38 8.15
C THR A 114 -5.43 9.67 7.48
N LYS A 115 -5.12 8.73 6.60
CA LYS A 115 -6.17 8.00 5.91
C LYS A 115 -7.14 7.30 6.86
N ASP A 116 -6.61 6.60 7.86
CA ASP A 116 -7.45 5.88 8.83
C ASP A 116 -8.17 6.83 9.75
N LEU A 118 -9.02 10.07 9.22
CA LEU A 118 -10.08 10.76 8.50
C LEU A 118 -11.24 9.84 8.22
N ALA A 119 -10.96 8.61 7.83
CA ALA A 119 -12.03 7.65 7.52
C ALA A 119 -12.83 7.35 8.78
N HIS A 120 -12.13 7.37 9.91
CA HIS A 120 -12.70 7.11 11.22
C HIS A 120 -13.65 8.24 11.65
N LEU A 121 -13.25 9.49 11.42
CA LEU A 121 -14.09 10.62 11.79
C LEU A 121 -15.33 10.66 10.89
N LEU A 122 -15.17 10.33 9.63
CA LEU A 122 -16.29 10.36 8.71
C LEU A 122 -17.27 9.25 9.01
N SER A 123 -16.78 8.16 9.59
CA SER A 123 -17.62 7.02 9.94
C SER A 123 -18.67 7.37 11.01
N THR A 124 -18.45 8.47 11.71
CA THR A 124 -19.38 8.88 12.74
C THR A 124 -20.72 9.36 12.17
N ARG A 125 -20.70 9.87 10.95
CA ARG A 125 -21.93 10.37 10.32
C ARG A 125 -22.31 9.65 9.06
N TYR A 126 -21.31 9.15 8.35
CA TYR A 126 -21.56 8.51 7.06
C TYR A 126 -21.08 7.10 6.90
N LYS A 127 -21.62 6.44 5.88
CA LYS A 127 -21.20 5.10 5.53
C LYS A 127 -19.89 5.41 4.81
N THR A 128 -18.77 5.12 5.44
CA THR A 128 -17.51 5.43 4.80
C THR A 128 -16.62 4.20 4.63
N TYR A 129 -15.99 4.08 3.46
CA TYR A 129 -15.10 2.98 3.18
C TYR A 129 -13.72 3.59 2.94
N LYS A 130 -12.67 2.79 3.06
CA LYS A 130 -11.33 3.32 2.88
C LYS A 130 -10.35 2.28 2.32
N THR A 131 -9.15 2.77 2.01
CA THR A 131 -8.10 1.90 1.50
C THR A 131 -7.74 0.92 2.61
N GLN A 132 -7.76 -0.35 2.28
CA GLN A 132 -7.41 -1.37 3.27
C GLN A 132 -5.91 -1.59 3.15
N GLY A 133 -5.25 -1.72 4.30
CA GLY A 133 -3.82 -1.95 4.30
C GLY A 133 -3.06 -0.90 3.53
N ASN A 134 -2.21 -1.34 2.61
CA ASN A 134 -1.41 -0.42 1.81
C ASN A 134 -1.77 -0.50 0.32
N TYR A 135 -3.05 -0.80 0.04
CA TYR A 135 -3.57 -0.91 -1.33
C TYR A 135 -3.73 0.50 -1.90
N ASN A 136 -2.62 1.23 -2.00
CA ASN A 136 -2.63 2.61 -2.46
C ASN A 136 -1.96 2.95 -3.79
N ASN A 137 -1.78 1.99 -4.68
CA ASN A 137 -1.14 2.29 -5.95
C ASN A 137 -2.08 2.06 -7.13
N GLU A 138 -1.53 1.98 -8.33
CA GLU A 138 -2.33 1.77 -9.53
C GLU A 138 -3.13 0.46 -9.55
N ILE A 139 -2.87 -0.45 -8.61
CA ILE A 139 -3.63 -1.69 -8.53
C ILE A 139 -4.58 -1.61 -7.31
N GLY A 140 -4.02 -1.17 -6.18
CA GLY A 140 -4.76 -1.06 -4.93
C GLY A 140 -5.91 -0.09 -4.91
N LEU A 141 -5.69 1.13 -5.39
CA LEU A 141 -6.76 2.12 -5.40
C LEU A 141 -7.94 1.60 -6.24
N PRO A 142 -7.67 1.22 -7.50
CA PRO A 142 -8.76 0.70 -8.34
C PRO A 142 -9.51 -0.40 -7.58
N TYR A 143 -8.75 -1.29 -6.96
CA TYR A 143 -9.30 -2.41 -6.21
C TYR A 143 -10.18 -1.90 -5.07
N THR A 144 -9.64 -0.98 -4.29
CA THR A 144 -10.38 -0.40 -3.17
C THR A 144 -11.72 0.15 -3.67
N VAL A 145 -11.68 0.89 -4.77
CA VAL A 145 -12.88 1.47 -5.35
C VAL A 145 -13.95 0.39 -5.55
N LEU A 146 -13.61 -0.62 -6.33
CA LEU A 146 -14.53 -1.69 -6.66
C LEU A 146 -15.05 -2.54 -5.51
N HIS A 147 -14.36 -2.51 -4.37
CA HIS A 147 -14.78 -3.31 -3.21
C HIS A 147 -15.56 -2.47 -2.23
N PRO A 149 -18.47 -1.07 -0.35
CA PRO A 149 -19.79 -1.63 0.02
C PRO A 149 -20.90 -0.79 -0.61
N GLU A 150 -22.01 -1.45 -0.94
CA GLU A 150 -23.13 -0.73 -1.53
C GLU A 150 -23.59 0.34 -0.55
N GLY A 151 -23.87 1.53 -1.07
CA GLY A 151 -24.31 2.63 -0.23
C GLY A 151 -23.26 3.51 0.41
N THR A 152 -21.99 3.32 0.05
CA THR A 152 -20.92 4.14 0.60
C THR A 152 -21.13 5.62 0.30
N GLU A 153 -20.92 6.48 1.29
CA GLU A 153 -21.08 7.91 1.09
C GLU A 153 -19.73 8.61 1.04
N LYS A 154 -18.78 8.13 1.83
CA LYS A 154 -17.45 8.72 1.84
C LYS A 154 -16.41 7.65 1.61
N LEU A 155 -15.57 7.88 0.61
CA LEU A 155 -14.50 6.96 0.25
C LEU A 155 -13.17 7.65 0.47
N VAL A 156 -12.39 7.16 1.43
CA VAL A 156 -11.08 7.76 1.69
C VAL A 156 -10.02 6.90 1.03
N LEU A 157 -9.36 7.46 0.01
CA LEU A 157 -8.32 6.75 -0.74
C LEU A 157 -6.91 7.27 -0.50
N GLU A 158 -6.04 6.40 0.00
CA GLU A 158 -4.65 6.76 0.21
C GLU A 158 -3.95 6.55 -1.13
N GLY A 160 -0.09 6.31 -2.85
CA GLY A 160 1.36 6.34 -2.69
C GLY A 160 2.02 6.59 -4.02
N GLN A 161 3.35 6.67 -4.03
CA GLN A 161 4.06 6.88 -5.27
C GLN A 161 5.44 6.27 -5.20
N ASP A 162 5.86 5.61 -6.28
CA ASP A 162 7.18 5.01 -6.35
C ASP A 162 7.99 5.82 -7.34
N HIS A 163 7.32 6.27 -8.40
CA HIS A 163 7.93 7.07 -9.45
C HIS A 163 7.10 8.32 -9.65
N LEU A 164 7.76 9.40 -10.07
CA LEU A 164 7.07 10.65 -10.33
C LEU A 164 5.98 10.38 -11.36
N GLY A 165 4.79 10.90 -11.12
CA GLY A 165 3.70 10.68 -12.06
C GLY A 165 2.72 9.62 -11.58
N ASP A 166 3.08 8.87 -10.54
CA ASP A 166 2.18 7.84 -10.06
C ASP A 166 0.93 8.43 -9.45
N ILE A 167 1.10 9.51 -8.69
CA ILE A 167 -0.03 10.18 -8.06
C ILE A 167 -0.90 10.92 -9.09
N HIS A 168 -0.26 11.45 -10.13
CA HIS A 168 -1.00 12.14 -11.18
C HIS A 168 -2.04 11.19 -11.78
N LEU A 169 -1.63 9.96 -12.03
CA LEU A 169 -2.54 8.97 -12.61
C LEU A 169 -3.69 8.63 -11.67
N LEU A 170 -3.35 8.46 -10.41
CA LEU A 170 -4.35 8.13 -9.41
C LEU A 170 -5.38 9.26 -9.23
N SER A 171 -4.89 10.50 -9.21
CA SER A 171 -5.77 11.66 -9.05
C SER A 171 -6.75 11.72 -10.22
N GLU A 172 -6.22 11.53 -11.42
CA GLU A 172 -7.03 11.56 -12.63
C GLU A 172 -8.09 10.47 -12.60
N LEU A 173 -7.71 9.30 -12.11
CA LEU A 173 -8.62 8.17 -12.02
C LEU A 173 -9.75 8.39 -11.01
N ALA A 174 -9.37 8.81 -9.79
CA ALA A 174 -10.32 9.01 -8.70
C ALA A 174 -11.11 10.33 -8.60
N ARG A 175 -10.56 11.41 -9.12
CA ARG A 175 -11.20 12.74 -9.08
C ARG A 175 -11.69 13.11 -7.68
N PRO A 176 -10.76 13.29 -6.73
CA PRO A 176 -11.03 13.64 -5.35
C PRO A 176 -11.81 14.93 -5.17
N LYS A 177 -12.74 14.90 -4.23
CA LYS A 177 -13.53 16.07 -3.89
C LYS A 177 -12.61 16.94 -3.03
N THR A 178 -11.81 16.28 -2.21
CA THR A 178 -10.88 16.95 -1.31
C THR A 178 -9.61 16.11 -1.24
N ALA A 179 -8.46 16.75 -0.99
CA ALA A 179 -7.21 16.02 -0.92
C ALA A 179 -6.30 16.53 0.19
N ILE A 180 -5.47 15.64 0.73
CA ILE A 180 -4.53 15.99 1.81
C ILE A 180 -3.11 15.50 1.53
N VAL A 181 -2.14 16.37 1.72
CA VAL A 181 -0.74 16.02 1.52
C VAL A 181 -0.06 16.25 2.87
N THR A 182 0.58 15.20 3.41
CA THR A 182 1.25 15.29 4.70
C THR A 182 2.73 15.49 4.47
N LEU A 183 3.25 14.86 3.43
CA LEU A 183 4.65 14.98 3.05
C LEU A 183 5.73 14.83 4.12
N VAL A 184 6.94 14.72 3.61
CA VAL A 184 8.18 14.56 4.36
C VAL A 184 9.19 14.13 3.29
N GLY A 185 10.43 14.61 3.42
CA GLY A 185 11.44 14.27 2.43
C GLY A 185 12.21 12.98 2.74
N GLU A 186 11.99 11.96 1.91
CA GLU A 186 12.65 10.67 2.11
C GLU A 186 14.16 10.79 2.02
N ALA A 187 14.85 9.89 2.71
CA ALA A 187 16.31 9.85 2.75
C ALA A 187 16.92 9.18 1.51
N HIS A 188 17.18 7.88 1.62
CA HIS A 188 17.76 7.10 0.53
C HIS A 188 16.78 7.01 -0.63
N LEU A 189 15.58 7.56 -0.41
CA LEU A 189 14.50 7.62 -1.39
C LEU A 189 14.75 6.97 -2.74
N ALA A 190 14.61 5.66 -2.80
CA ALA A 190 14.82 4.92 -4.04
C ALA A 190 13.92 5.45 -5.17
N PHE A 191 14.32 5.17 -6.41
CA PHE A 191 13.56 5.60 -7.58
C PHE A 191 13.30 7.10 -7.69
N PHE A 192 13.33 7.80 -6.57
CA PHE A 192 13.11 9.25 -6.55
C PHE A 192 14.46 9.93 -6.41
N LYS A 193 14.56 11.15 -6.94
CA LYS A 193 15.81 11.91 -6.91
C LYS A 193 16.10 12.70 -5.64
N ASP A 194 15.14 13.53 -5.22
CA ASP A 194 15.33 14.36 -4.02
C ASP A 194 14.00 14.87 -3.47
N ARG A 195 14.04 15.54 -2.31
CA ARG A 195 12.84 16.06 -1.68
C ARG A 195 11.90 16.81 -2.63
N SER A 196 12.41 17.82 -3.31
CA SER A 196 11.61 18.59 -4.23
C SER A 196 10.80 17.74 -5.20
N GLU A 197 11.41 16.67 -5.70
CA GLU A 197 10.69 15.81 -6.64
C GLU A 197 9.60 15.02 -5.93
N ILE A 198 9.89 14.54 -4.72
CA ILE A 198 8.89 13.79 -3.98
C ILE A 198 7.68 14.71 -3.78
N ALA A 199 7.96 15.96 -3.43
CA ALA A 199 6.92 16.96 -3.20
C ALA A 199 6.15 17.25 -4.49
N LYS A 200 6.87 17.22 -5.61
CA LYS A 200 6.29 17.47 -6.91
C LYS A 200 5.28 16.36 -7.22
N GLY A 201 5.69 15.13 -6.98
CA GLY A 201 4.81 14.00 -7.23
C GLY A 201 3.59 13.96 -6.31
N LYS A 202 3.79 14.35 -5.06
CA LYS A 202 2.69 14.37 -4.12
C LYS A 202 1.71 15.49 -4.43
N GLN A 204 0.77 16.35 -7.12
CA GLN A 204 -0.02 15.96 -8.29
C GLN A 204 -1.37 15.45 -7.81
N ILE A 205 -1.50 15.22 -6.51
CA ILE A 205 -2.75 14.73 -5.95
C ILE A 205 -3.88 15.69 -6.32
N ALA A 206 -3.53 16.91 -6.75
CA ALA A 206 -4.53 17.89 -7.14
C ALA A 206 -4.91 17.85 -8.60
N ASP A 207 -4.05 17.28 -9.45
CA ASP A 207 -4.31 17.25 -10.89
C ASP A 207 -5.72 16.86 -11.33
N GLY A 208 -6.29 15.85 -10.69
CA GLY A 208 -7.62 15.42 -11.08
C GLY A 208 -8.76 16.06 -10.31
N ALA A 210 -11.47 19.14 -9.31
CA ALA A 210 -12.22 20.26 -9.88
C ALA A 210 -11.81 21.57 -9.20
N SER A 211 -11.95 22.68 -9.92
CA SER A 211 -11.60 24.00 -9.38
C SER A 211 -12.34 24.32 -8.06
N GLY A 212 -11.64 24.96 -7.13
CA GLY A 212 -12.23 25.33 -5.86
C GLY A 212 -12.24 24.24 -4.78
N SER A 213 -11.81 23.03 -5.14
CA SER A 213 -11.78 21.93 -4.19
C SER A 213 -10.74 22.18 -3.11
N LEU A 214 -11.03 21.69 -1.91
CA LEU A 214 -10.13 21.85 -0.78
C LEU A 214 -8.90 20.93 -0.85
N LEU A 215 -7.73 21.51 -0.65
CA LEU A 215 -6.49 20.79 -0.65
C LEU A 215 -5.65 21.24 0.52
N LEU A 216 -5.27 20.31 1.37
CA LEU A 216 -4.43 20.65 2.49
C LEU A 216 -2.99 20.27 2.18
N ALA A 217 -2.10 21.24 2.32
CA ALA A 217 -0.69 21.02 2.07
C ALA A 217 0.09 21.59 3.24
N PRO A 218 1.24 21.00 3.55
CA PRO A 218 2.04 21.50 4.67
C PRO A 218 2.67 22.85 4.40
N ALA A 219 2.99 23.56 5.49
CA ALA A 219 3.60 24.87 5.46
C ALA A 219 4.98 24.83 4.81
N ASP A 220 5.64 23.70 4.94
CA ASP A 220 6.96 23.51 4.34
C ASP A 220 6.98 24.15 2.95
N PRO A 221 8.00 24.98 2.66
CA PRO A 221 8.21 25.70 1.39
C PRO A 221 8.50 24.79 0.21
N ILE A 222 8.95 23.57 0.52
CA ILE A 222 9.28 22.58 -0.48
C ILE A 222 8.17 22.36 -1.52
N VAL A 223 6.92 22.67 -1.15
CA VAL A 223 5.79 22.48 -2.07
C VAL A 223 5.33 23.73 -2.82
N GLU A 224 5.83 24.90 -2.44
CA GLU A 224 5.43 26.16 -3.07
C GLU A 224 5.36 26.18 -4.59
N ASP A 225 6.42 25.72 -5.26
CA ASP A 225 6.45 25.70 -6.72
C ASP A 225 5.49 24.70 -7.36
N TYR A 226 4.84 23.88 -6.55
CA TYR A 226 3.93 22.86 -7.09
C TYR A 226 2.48 23.07 -6.71
N LEU A 227 2.20 24.14 -6.00
CA LEU A 227 0.85 24.44 -5.59
C LEU A 227 -0.08 24.52 -6.79
N PRO A 228 -1.32 24.03 -6.65
CA PRO A 228 -2.20 24.12 -7.82
C PRO A 228 -2.58 25.60 -7.94
N ILE A 229 -3.20 26.00 -9.06
CA ILE A 229 -3.57 27.40 -9.24
C ILE A 229 -5.04 27.70 -8.97
N ASP A 230 -5.91 26.77 -9.33
CA ASP A 230 -7.33 26.99 -9.14
C ASP A 230 -8.01 26.17 -8.03
N LYS A 231 -7.30 25.97 -6.93
CA LYS A 231 -7.85 25.20 -5.82
C LYS A 231 -7.94 25.98 -4.52
N LYS A 232 -8.74 25.49 -3.59
CA LYS A 232 -8.84 26.12 -2.30
C LYS A 232 -7.72 25.48 -1.49
N VAL A 233 -6.60 26.18 -1.31
CA VAL A 233 -5.48 25.60 -0.57
C VAL A 233 -5.32 26.08 0.88
N VAL A 234 -5.23 25.13 1.80
CA VAL A 234 -5.05 25.44 3.19
C VAL A 234 -3.74 24.84 3.68
N ARG A 235 -2.90 25.68 4.29
CA ARG A 235 -1.62 25.27 4.81
C ARG A 235 -1.69 24.94 6.30
N PHE A 236 -0.96 23.92 6.72
CA PHE A 236 -0.95 23.52 8.12
C PHE A 236 0.48 23.47 8.62
N GLY A 237 0.66 23.74 9.90
CA GLY A 237 1.98 23.74 10.49
C GLY A 237 2.15 25.02 11.28
N GLN A 238 3.29 25.18 11.94
CA GLN A 238 3.54 26.38 12.72
C GLN A 238 3.52 27.63 11.83
N GLY A 239 2.68 28.59 12.20
CA GLY A 239 2.61 29.83 11.44
C GLY A 239 1.54 29.85 10.37
N ALA A 240 1.09 28.67 9.93
CA ALA A 240 0.07 28.57 8.89
C ALA A 240 -1.37 28.70 9.40
N GLU A 241 -2.31 28.74 8.45
CA GLU A 241 -3.72 28.86 8.74
C GLU A 241 -4.19 27.88 9.81
N LEU A 242 -3.72 26.63 9.72
CA LEU A 242 -4.08 25.63 10.71
C LEU A 242 -2.82 25.32 11.46
N GLU A 243 -2.90 25.28 12.79
CA GLU A 243 -1.70 24.96 13.55
C GLU A 243 -1.99 24.43 14.95
N ILE A 244 -1.03 23.68 15.45
CA ILE A 244 -1.12 23.11 16.77
C ILE A 244 -0.55 24.17 17.69
N THR A 245 -1.37 24.64 18.63
CA THR A 245 -0.93 25.68 19.56
C THR A 245 -0.41 25.12 20.86
N ASP A 246 -0.79 23.88 21.18
CA ASP A 246 -0.33 23.26 22.42
C ASP A 246 -0.28 21.75 22.32
N LEU A 247 0.73 21.14 22.93
CA LEU A 247 0.89 19.69 22.87
C LEU A 247 1.49 19.06 24.11
N VAL A 248 0.97 17.91 24.49
CA VAL A 248 1.44 17.15 25.64
C VAL A 248 1.47 15.69 25.26
N GLU A 249 2.57 15.01 25.60
CA GLU A 249 2.70 13.60 25.29
C GLU A 249 2.99 12.77 26.55
N ARG A 250 2.13 11.78 26.78
CA ARG A 250 2.30 10.89 27.93
C ARG A 250 3.18 9.77 27.43
N LYS A 251 3.15 8.64 28.14
CA LYS A 251 3.94 7.47 27.77
C LYS A 251 3.30 6.78 26.55
N ASP A 252 1.98 6.67 26.58
CA ASP A 252 1.23 6.03 25.49
C ASP A 252 -0.02 6.83 25.12
N SER A 253 -0.02 8.11 25.45
CA SER A 253 -1.16 8.97 25.15
C SER A 253 -0.69 10.30 24.59
N LEU A 254 -1.63 11.14 24.17
CA LEU A 254 -1.31 12.44 23.59
C LEU A 254 -2.48 13.41 23.69
N THR A 255 -2.21 14.65 24.08
CA THR A 255 -3.25 15.66 24.18
C THR A 255 -2.74 16.92 23.49
N PHE A 256 -3.52 17.43 22.52
CA PHE A 256 -3.10 18.61 21.77
C PHE A 256 -4.28 19.52 21.46
N LYS A 257 -3.97 20.78 21.17
CA LYS A 257 -4.96 21.78 20.86
C LYS A 257 -4.70 22.41 19.49
N ALA A 258 -5.73 22.44 18.65
CA ALA A 258 -5.60 23.03 17.32
C ALA A 258 -6.32 24.37 17.32
N ASN A 259 -5.65 25.40 16.82
CA ASN A 259 -6.24 26.73 16.83
C ASN A 259 -7.67 26.83 16.33
N PHE A 260 -8.02 26.14 15.26
CA PHE A 260 -9.38 26.21 14.73
C PHE A 260 -10.40 25.39 15.51
N LEU A 261 -9.91 24.61 16.47
CA LEU A 261 -10.80 23.81 17.31
C LEU A 261 -10.85 24.53 18.67
N GLU A 262 -12.03 24.66 19.25
CA GLU A 262 -12.13 25.36 20.52
C GLU A 262 -11.77 24.50 21.73
N GLN A 263 -11.89 23.19 21.57
CA GLN A 263 -11.58 22.28 22.65
C GLN A 263 -10.28 21.57 22.32
N ALA A 264 -9.73 20.85 23.29
CA ALA A 264 -8.49 20.10 23.08
C ALA A 264 -8.88 18.75 22.48
N LEU A 265 -7.88 17.90 22.24
CA LEU A 265 -8.11 16.58 21.68
C LEU A 265 -7.18 15.55 22.27
N ASP A 266 -7.67 14.34 22.43
CA ASP A 266 -6.89 13.26 22.98
C ASP A 266 -6.79 12.09 22.03
N LEU A 267 -5.59 11.53 21.95
CA LEU A 267 -5.31 10.38 21.09
C LEU A 267 -4.50 9.34 21.87
N PRO A 268 -4.77 8.06 21.62
CA PRO A 268 -4.10 6.92 22.24
C PRO A 268 -2.76 6.58 21.61
N VAL A 269 -2.07 7.60 21.11
CA VAL A 269 -0.78 7.42 20.47
C VAL A 269 0.12 8.62 20.76
N THR A 270 1.43 8.48 20.53
CA THR A 270 2.36 9.56 20.78
C THR A 270 3.10 10.01 19.52
N GLY A 271 3.05 11.31 19.24
CA GLY A 271 3.73 11.84 18.08
C GLY A 271 3.26 13.21 17.63
N LYS A 272 4.21 14.11 17.39
CA LYS A 272 3.92 15.46 16.93
C LYS A 272 3.21 15.36 15.58
N TYR A 273 3.62 14.37 14.80
CA TYR A 273 3.08 14.09 13.48
C TYR A 273 1.69 13.46 13.54
N ASN A 274 1.43 12.65 14.56
CA ASN A 274 0.11 12.04 14.71
C ASN A 274 -0.88 13.15 15.04
N ALA A 275 -0.41 14.11 15.83
CA ALA A 275 -1.23 15.23 16.22
C ALA A 275 -1.60 16.02 14.97
N THR A 276 -0.61 16.29 14.13
CA THR A 276 -0.85 17.02 12.90
C THR A 276 -1.82 16.24 11.98
N ASN A 277 -1.58 14.94 11.84
CA ASN A 277 -2.46 14.11 11.01
C ASN A 277 -3.88 14.25 11.54
N ALA A 278 -4.03 14.03 12.85
CA ALA A 278 -5.33 14.12 13.51
C ALA A 278 -5.95 15.48 13.20
N ILE A 280 -5.34 17.78 10.69
CA ILE A 280 -5.73 17.95 9.31
C ILE A 280 -6.92 17.06 8.98
N ALA A 281 -6.97 15.88 9.59
CA ALA A 281 -8.11 14.99 9.37
C ALA A 281 -9.36 15.65 9.97
N SER A 282 -9.20 16.30 11.13
CA SER A 282 -10.32 16.96 11.79
C SER A 282 -10.93 18.07 10.93
N TYR A 283 -10.06 18.90 10.36
CA TYR A 283 -10.51 19.99 9.51
C TYR A 283 -11.39 19.48 8.38
N VAL A 284 -10.97 18.42 7.70
CA VAL A 284 -11.76 17.88 6.61
C VAL A 284 -13.06 17.29 7.14
N ALA A 285 -12.99 16.63 8.29
CA ALA A 285 -14.19 16.05 8.90
C ALA A 285 -15.17 17.19 9.22
N LEU A 286 -14.63 18.29 9.75
CA LEU A 286 -15.47 19.44 10.06
C LEU A 286 -16.20 19.94 8.81
N GLN A 287 -15.45 20.16 7.73
CA GLN A 287 -16.04 20.64 6.47
C GLN A 287 -17.12 19.70 5.94
N GLU A 288 -17.13 18.45 6.41
CA GLU A 288 -18.12 17.49 5.92
C GLU A 288 -19.35 17.34 6.80
N GLY A 289 -19.46 18.18 7.83
CA GLY A 289 -20.63 18.11 8.69
C GLY A 289 -20.45 17.37 10.00
N VAL A 290 -19.22 16.98 10.31
CA VAL A 290 -18.98 16.27 11.55
C VAL A 290 -18.69 17.33 12.62
N SER A 291 -19.26 17.14 13.81
CA SER A 291 -19.06 18.10 14.89
C SER A 291 -17.75 17.86 15.64
N GLU A 292 -17.29 18.91 16.30
CA GLU A 292 -16.06 18.83 17.09
C GLU A 292 -16.29 17.83 18.21
N GLU A 293 -17.55 17.70 18.62
CA GLU A 293 -17.89 16.75 19.68
C GLU A 293 -17.77 15.35 19.14
N GLN A 294 -18.46 15.09 18.02
CA GLN A 294 -18.41 13.77 17.39
C GLN A 294 -16.94 13.39 17.18
N ILE A 295 -16.16 14.34 16.67
CA ILE A 295 -14.75 14.12 16.43
C ILE A 295 -13.99 13.80 17.71
N ARG A 296 -14.23 14.60 18.74
CA ARG A 296 -13.58 14.40 20.03
C ARG A 296 -13.85 13.01 20.60
N LEU A 297 -15.10 12.54 20.46
CA LEU A 297 -15.47 11.23 20.96
C LEU A 297 -14.80 10.11 20.17
N ALA A 298 -14.76 10.28 18.85
CA ALA A 298 -14.16 9.30 17.97
C ALA A 298 -12.67 9.07 18.28
N PHE A 299 -11.93 10.14 18.47
CA PHE A 299 -10.51 10.00 18.76
C PHE A 299 -10.30 9.27 20.09
N GLN A 300 -11.39 9.08 20.82
CA GLN A 300 -11.33 8.40 22.10
C GLN A 300 -11.02 6.93 21.92
N HIS A 301 -11.50 6.36 20.82
CA HIS A 301 -11.26 4.96 20.53
C HIS A 301 -10.79 4.84 19.08
N LEU A 302 -9.65 5.46 18.81
CA LEU A 302 -9.07 5.48 17.48
C LEU A 302 -8.88 4.10 16.84
N GLU A 303 -7.71 3.52 17.05
CA GLU A 303 -7.33 2.22 16.51
C GLU A 303 -5.96 2.34 15.88
N LEU A 304 -4.97 1.71 16.49
CA LEU A 304 -3.62 1.76 15.96
C LEU A 304 -3.57 0.92 14.70
N THR A 305 -2.66 1.24 13.79
CA THR A 305 -2.56 0.50 12.52
C THR A 305 -1.24 -0.26 12.35
N ARG A 306 -1.28 -1.54 12.72
CA ARG A 306 -0.13 -2.44 12.64
C ARG A 306 1.09 -1.89 11.90
N ASN A 307 2.00 -1.29 12.66
CA ASN A 307 3.26 -0.72 12.17
C ASN A 307 3.22 0.07 10.86
N ARG A 308 3.04 -0.62 9.74
CA ARG A 308 3.01 -0.04 8.40
C ARG A 308 4.43 -0.03 7.82
N THR A 309 4.74 -1.05 7.04
CA THR A 309 6.07 -1.19 6.44
C THR A 309 6.79 0.12 6.16
N GLU A 310 7.92 0.30 6.83
CA GLU A 310 8.74 1.48 6.71
C GLU A 310 10.08 1.13 7.33
N TRP A 311 11.03 2.05 7.26
CA TRP A 311 12.33 1.78 7.84
C TRP A 311 12.33 1.94 9.35
N LYS A 312 13.36 1.41 9.98
CA LYS A 312 13.55 1.46 11.42
C LYS A 312 15.03 1.22 11.63
N LYS A 313 15.43 0.96 12.86
CA LYS A 313 16.83 0.69 13.13
C LYS A 313 17.02 -0.25 14.30
N ALA A 314 18.01 -1.11 14.17
CA ALA A 314 18.33 -2.07 15.20
C ALA A 314 19.44 -1.43 16.00
N ALA A 315 19.45 -1.68 17.31
CA ALA A 315 20.50 -1.14 18.17
C ALA A 315 21.80 -1.54 17.47
N ASN A 316 22.27 -0.68 16.57
CA ASN A 316 23.47 -0.96 15.80
C ASN A 316 23.62 0.12 14.75
N GLY A 317 22.57 0.92 14.59
CA GLY A 317 22.58 1.99 13.62
C GLY A 317 22.25 1.46 12.25
N ALA A 318 21.64 0.27 12.23
CA ALA A 318 21.28 -0.37 10.98
C ALA A 318 19.97 0.17 10.39
N ASP A 319 19.76 -0.13 9.12
CA ASP A 319 18.57 0.28 8.37
C ASP A 319 17.68 -0.93 8.15
N ILE A 320 16.86 -1.26 9.13
CA ILE A 320 15.97 -2.41 9.03
C ILE A 320 14.70 -2.12 8.22
N LEU A 321 14.51 -2.86 7.14
CA LEU A 321 13.33 -2.71 6.29
C LEU A 321 12.48 -3.96 6.39
N SER A 322 11.64 -4.03 7.41
CA SER A 322 10.78 -5.19 7.63
C SER A 322 9.38 -5.02 7.03
N ASP A 323 9.17 -5.65 5.89
CA ASP A 323 7.88 -5.61 5.20
C ASP A 323 6.94 -6.56 5.94
N VAL A 324 6.03 -5.96 6.71
CA VAL A 324 5.09 -6.71 7.53
C VAL A 324 4.01 -7.53 6.82
N TYR A 325 3.11 -6.85 6.13
CA TYR A 325 2.02 -7.55 5.47
C TYR A 325 2.22 -7.72 3.96
N ASN A 326 1.24 -8.37 3.32
CA ASN A 326 1.31 -8.63 1.89
C ASN A 326 2.23 -9.81 1.64
N ALA A 327 1.92 -10.93 2.28
CA ALA A 327 2.71 -12.15 2.14
C ALA A 327 2.37 -12.95 0.89
N ASN A 328 2.66 -12.37 -0.29
CA ASN A 328 2.41 -13.06 -1.55
C ASN A 328 3.60 -12.83 -2.46
N PRO A 329 3.76 -13.67 -3.48
CA PRO A 329 4.87 -13.54 -4.40
C PRO A 329 5.08 -12.21 -5.12
N THR A 330 3.99 -11.55 -5.51
CA THR A 330 4.11 -10.27 -6.20
C THR A 330 4.66 -9.22 -5.25
N ALA A 331 4.08 -9.18 -4.07
CA ALA A 331 4.49 -8.26 -3.02
C ALA A 331 5.98 -8.44 -2.73
N LYS A 333 8.29 -9.84 -4.73
CA LYS A 333 9.00 -9.44 -5.93
C LYS A 333 9.13 -7.91 -5.94
N LEU A 334 8.03 -7.23 -5.60
CA LEU A 334 8.02 -5.77 -5.60
C LEU A 334 8.89 -5.19 -4.48
N ILE A 335 8.79 -5.76 -3.28
CA ILE A 335 9.59 -5.27 -2.19
C ILE A 335 11.07 -5.48 -2.51
N LEU A 336 11.36 -6.49 -3.32
CA LEU A 336 12.73 -6.76 -3.71
C LEU A 336 13.22 -5.74 -4.72
N GLU A 337 12.43 -5.51 -5.77
CA GLU A 337 12.80 -4.56 -6.82
C GLU A 337 13.02 -3.16 -6.26
N THR A 338 12.38 -2.85 -5.14
CA THR A 338 12.54 -1.55 -4.52
C THR A 338 13.77 -1.54 -3.61
N PHE A 339 13.82 -2.50 -2.68
CA PHE A 339 14.94 -2.61 -1.75
C PHE A 339 16.26 -2.64 -2.48
N SER A 340 16.27 -3.24 -3.66
CA SER A 340 17.49 -3.33 -4.44
C SER A 340 17.68 -2.17 -5.40
N ALA A 341 16.91 -1.11 -5.19
CA ALA A 341 17.01 0.08 -6.04
C ALA A 341 17.70 1.16 -5.21
N ILE A 342 17.47 1.08 -3.91
CA ILE A 342 18.04 1.99 -2.92
C ILE A 342 19.54 1.71 -2.82
N PRO A 343 20.39 2.64 -3.25
CA PRO A 343 21.83 2.35 -3.13
C PRO A 343 22.24 2.21 -1.67
N ALA A 344 23.30 1.45 -1.43
CA ALA A 344 23.79 1.18 -0.08
C ALA A 344 24.28 2.42 0.68
N ASN A 345 24.31 2.30 2.01
CA ASN A 345 24.74 3.38 2.88
C ASN A 345 26.23 3.65 2.82
N GLU A 346 26.76 4.12 3.96
CA GLU A 346 28.18 4.46 4.13
C GLU A 346 29.11 3.38 3.60
N GLY A 347 29.33 2.34 4.40
CA GLY A 347 30.20 1.26 3.96
C GLY A 347 29.72 0.79 2.60
N GLY A 348 28.45 0.43 2.53
CA GLY A 348 27.86 -0.01 1.26
C GLY A 348 27.56 -1.50 1.20
N LYS A 349 26.81 -2.01 2.18
CA LYS A 349 26.47 -3.43 2.20
C LYS A 349 24.96 -3.73 2.22
N LYS A 350 24.51 -4.59 1.30
CA LYS A 350 23.10 -4.98 1.14
C LYS A 350 22.77 -6.43 1.55
N ILE A 351 21.82 -6.59 2.47
CA ILE A 351 21.42 -7.92 2.94
C ILE A 351 19.90 -8.10 2.87
N ALA A 352 19.44 -9.28 2.48
CA ALA A 352 18.01 -9.57 2.41
C ALA A 352 17.73 -10.90 3.09
N VAL A 353 16.80 -10.90 4.04
CA VAL A 353 16.42 -12.12 4.74
C VAL A 353 15.03 -12.49 4.26
N LEU A 354 14.93 -13.61 3.55
CA LEU A 354 13.65 -14.05 3.01
C LEU A 354 13.14 -15.32 3.66
N ALA A 355 11.88 -15.34 4.03
CA ALA A 355 11.32 -16.52 4.66
C ALA A 355 10.04 -16.94 3.95
N ASP A 356 9.58 -18.15 4.29
CA ASP A 356 8.39 -18.73 3.70
C ASP A 356 7.14 -17.87 3.73
N LYS A 358 3.42 -18.46 3.72
CA LYS A 358 2.42 -19.48 3.90
C LYS A 358 1.18 -19.28 3.02
N GLU A 359 0.38 -20.34 2.91
CA GLU A 359 -0.87 -20.31 2.17
C GLU A 359 -0.83 -19.92 0.71
N LEU A 360 0.22 -20.29 -0.01
CA LEU A 360 0.28 -19.95 -1.42
C LEU A 360 -0.43 -21.02 -2.21
N GLY A 361 -0.71 -22.15 -1.56
CA GLY A 361 -1.38 -23.24 -2.24
C GLY A 361 -0.41 -24.31 -2.69
N ASP A 362 -0.89 -25.28 -3.45
CA ASP A 362 -0.02 -26.35 -3.88
C ASP A 362 1.08 -25.85 -4.81
N GLN A 363 1.03 -24.57 -5.14
CA GLN A 363 2.05 -24.00 -6.03
C GLN A 363 3.11 -23.21 -5.24
N SER A 364 2.99 -23.22 -3.92
CA SER A 364 3.90 -22.50 -3.03
C SER A 364 5.38 -22.54 -3.41
N VAL A 365 5.95 -23.73 -3.41
CA VAL A 365 7.36 -23.92 -3.74
C VAL A 365 7.75 -23.30 -5.07
N GLN A 366 6.97 -23.56 -6.11
CA GLN A 366 7.31 -23.00 -7.42
C GLN A 366 7.30 -21.48 -7.36
N LEU A 367 6.35 -20.93 -6.62
CA LEU A 367 6.23 -19.49 -6.49
C LEU A 367 7.42 -18.89 -5.78
N HIS A 368 7.99 -19.62 -4.83
CA HIS A 368 9.17 -19.13 -4.14
C HIS A 368 10.36 -19.14 -5.09
N ASN A 369 10.45 -20.14 -5.96
CA ASN A 369 11.59 -20.22 -6.88
C ASN A 369 11.55 -19.06 -7.84
N GLN A 370 10.33 -18.61 -8.17
CA GLN A 370 10.13 -17.51 -9.09
C GLN A 370 10.87 -16.26 -8.64
N ILE A 372 13.74 -16.01 -7.72
CA ILE A 372 15.11 -16.03 -8.22
C ILE A 372 15.32 -14.97 -9.31
N LEU A 373 14.28 -14.72 -10.11
CA LEU A 373 14.39 -13.73 -11.17
C LEU A 373 14.44 -12.30 -10.58
N SER A 374 14.19 -12.15 -9.29
CA SER A 374 14.22 -10.83 -8.66
C SER A 374 15.44 -10.65 -7.75
N LEU A 375 16.33 -11.63 -7.77
CA LEU A 375 17.54 -11.57 -6.94
C LEU A 375 18.77 -11.40 -7.81
N SER A 376 19.48 -10.29 -7.63
CA SER A 376 20.68 -10.03 -8.41
C SER A 376 21.92 -10.08 -7.52
N PRO A 377 22.94 -10.84 -7.94
CA PRO A 377 24.21 -10.99 -7.20
C PRO A 377 24.87 -9.64 -7.06
N ASP A 378 24.88 -8.89 -8.17
CA ASP A 378 25.48 -7.57 -8.20
C ASP A 378 24.94 -6.57 -7.16
N VAL A 379 23.62 -6.51 -7.00
CA VAL A 379 23.06 -5.58 -6.03
C VAL A 379 22.96 -6.15 -4.60
N LEU A 380 22.62 -7.42 -4.46
CA LEU A 380 22.54 -7.98 -3.11
C LEU A 380 23.84 -8.68 -2.75
N ASP A 381 24.33 -8.41 -1.55
CA ASP A 381 25.60 -8.97 -1.09
C ASP A 381 25.46 -10.22 -0.25
N ILE A 382 24.30 -10.40 0.35
CA ILE A 382 24.04 -11.56 1.18
C ILE A 382 22.54 -11.79 1.24
N VAL A 383 22.12 -13.01 0.94
CA VAL A 383 20.70 -13.33 1.00
C VAL A 383 20.54 -14.52 1.93
N ILE A 384 19.77 -14.33 2.99
CA ILE A 384 19.56 -15.39 3.95
C ILE A 384 18.14 -15.89 3.84
N PHE A 385 17.99 -17.20 3.77
CA PHE A 385 16.68 -17.81 3.65
C PHE A 385 16.34 -18.60 4.90
N TYR A 386 15.09 -18.50 5.31
CA TYR A 386 14.64 -19.22 6.50
C TYR A 386 13.29 -19.89 6.22
N GLY A 387 13.23 -21.20 6.35
CA GLY A 387 11.97 -21.87 6.12
C GLY A 387 12.01 -23.30 5.62
N GLU A 388 11.02 -23.65 4.81
CA GLU A 388 10.91 -24.97 4.24
C GLU A 388 10.64 -24.86 2.73
N ASP A 389 9.49 -24.31 2.36
CA ASP A 389 9.16 -24.15 0.95
C ASP A 389 10.16 -23.27 0.21
N ILE A 390 10.90 -22.45 0.94
CA ILE A 390 11.87 -21.56 0.30
C ILE A 390 13.25 -22.19 0.09
N ALA A 391 13.41 -23.46 0.42
CA ALA A 391 14.68 -24.14 0.27
C ALA A 391 15.18 -24.27 -1.17
N GLN A 392 14.27 -24.57 -2.09
CA GLN A 392 14.64 -24.70 -3.49
C GLN A 392 15.12 -23.37 -4.06
N LEU A 393 14.64 -22.27 -3.49
CA LEU A 393 15.03 -20.92 -3.93
C LEU A 393 16.45 -20.63 -3.42
N ALA A 394 16.73 -21.04 -2.18
CA ALA A 394 18.06 -20.87 -1.58
C ALA A 394 19.08 -21.61 -2.43
N GLN A 395 18.73 -22.84 -2.83
CA GLN A 395 19.62 -23.65 -3.67
C GLN A 395 19.87 -22.91 -4.98
N LEU A 396 18.83 -22.33 -5.56
CA LEU A 396 18.99 -21.58 -6.81
C LEU A 396 19.89 -20.35 -6.57
N ALA A 397 19.68 -19.68 -5.44
CA ALA A 397 20.49 -18.51 -5.10
C ALA A 397 21.96 -18.91 -4.92
N SER A 398 22.21 -20.02 -4.25
CA SER A 398 23.59 -20.47 -4.04
C SER A 398 24.34 -20.74 -5.37
N GLN A 399 23.60 -21.16 -6.40
CA GLN A 399 24.21 -21.42 -7.71
C GLN A 399 24.44 -20.09 -8.45
N PHE A 401 24.57 -16.92 -7.14
CA PHE A 401 25.42 -15.99 -6.40
C PHE A 401 26.84 -16.51 -6.16
N PRO A 402 27.73 -15.59 -5.77
CA PRO A 402 29.14 -15.88 -5.48
C PRO A 402 29.22 -16.86 -4.31
N ILE A 403 30.34 -17.56 -4.19
CA ILE A 403 30.55 -18.52 -3.10
C ILE A 403 30.42 -17.80 -1.77
N GLY A 404 29.66 -18.37 -0.85
CA GLY A 404 29.49 -17.76 0.46
C GLY A 404 28.52 -16.60 0.65
N HIS A 405 27.88 -16.14 -0.41
CA HIS A 405 26.95 -15.02 -0.30
C HIS A 405 25.51 -15.42 0.03
N VAL A 406 25.28 -16.69 0.32
CA VAL A 406 23.93 -17.14 0.64
C VAL A 406 23.90 -18.01 1.88
N TYR A 407 22.80 -17.95 2.62
CA TYR A 407 22.63 -18.76 3.82
C TYR A 407 21.23 -19.31 3.85
N TYR A 408 21.07 -20.48 4.45
CA TYR A 408 19.77 -21.11 4.56
C TYR A 408 19.55 -21.74 5.94
N PHE A 409 18.42 -21.45 6.56
CA PHE A 409 18.15 -22.04 7.85
C PHE A 409 16.82 -22.76 7.83
N LYS A 410 16.86 -24.01 8.26
CA LYS A 410 15.69 -24.88 8.28
C LYS A 410 14.62 -24.42 9.25
N LYS A 411 13.38 -24.74 8.94
CA LYS A 411 12.23 -24.41 9.78
C LYS A 411 11.07 -25.30 9.40
N THR A 412 10.95 -26.44 10.07
CA THR A 412 9.87 -27.37 9.80
C THR A 412 9.28 -27.81 11.13
N GLU A 413 8.32 -28.73 11.09
CA GLU A 413 7.71 -29.21 12.32
C GLU A 413 8.66 -30.14 13.07
N ASP A 414 9.76 -30.51 12.42
CA ASP A 414 10.74 -31.40 13.01
C ASP A 414 11.87 -30.59 13.64
N GLN A 415 12.49 -29.73 12.84
CA GLN A 415 13.58 -28.90 13.33
C GLN A 415 13.39 -27.43 12.96
N ASP A 416 14.07 -26.55 13.70
CA ASP A 416 13.99 -25.12 13.46
C ASP A 416 15.29 -24.50 13.92
N GLN A 417 16.10 -24.04 12.96
CA GLN A 417 17.38 -23.43 13.26
C GLN A 417 17.22 -21.93 13.49
N PHE A 418 16.15 -21.55 14.17
CA PHE A 418 15.90 -20.14 14.46
C PHE A 418 17.08 -19.58 15.24
N GLU A 419 17.65 -20.44 16.07
CA GLU A 419 18.79 -20.12 16.90
C GLU A 419 19.98 -19.66 16.05
N ASP A 420 20.33 -20.47 15.05
CA ASP A 420 21.46 -20.16 14.15
C ASP A 420 21.17 -18.98 13.22
N LEU A 421 19.91 -18.81 12.83
CA LEU A 421 19.54 -17.71 11.95
C LEU A 421 19.87 -16.37 12.61
N VAL A 422 19.33 -16.17 13.81
CA VAL A 422 19.56 -14.95 14.57
C VAL A 422 21.06 -14.73 14.68
N LYS A 423 21.75 -15.78 15.12
CA LYS A 423 23.20 -15.76 15.28
C LYS A 423 23.89 -15.28 14.01
N GLN A 424 23.53 -15.90 12.88
CA GLN A 424 24.11 -15.54 11.59
C GLN A 424 23.74 -14.13 11.16
N VAL A 425 22.46 -13.80 11.30
CA VAL A 425 21.98 -12.47 10.92
C VAL A 425 22.75 -11.41 11.69
N LYS A 426 22.79 -11.58 13.01
CA LYS A 426 23.50 -10.65 13.89
C LYS A 426 24.94 -10.49 13.43
N GLU A 427 25.59 -11.62 13.13
CA GLU A 427 26.98 -11.63 12.69
C GLU A 427 27.25 -10.89 11.39
N SER A 428 26.41 -11.11 10.38
CA SER A 428 26.58 -10.45 9.10
C SER A 428 26.16 -9.00 9.14
N LEU A 429 25.14 -8.71 9.95
CA LEU A 429 24.62 -7.35 10.06
C LEU A 429 25.66 -6.35 10.59
N GLY A 430 26.14 -5.50 9.70
CA GLY A 430 27.11 -4.50 10.08
C GLY A 430 26.38 -3.23 10.43
N ALA A 431 27.01 -2.36 11.22
CA ALA A 431 26.39 -1.10 11.65
C ALA A 431 25.95 -0.14 10.55
N HIS A 432 26.49 -0.30 9.34
CA HIS A 432 26.13 0.57 8.21
C HIS A 432 25.44 -0.21 7.09
N ASP A 433 24.78 -1.29 7.47
CA ASP A 433 24.09 -2.13 6.48
C ASP A 433 22.58 -1.90 6.40
N GLN A 434 21.98 -2.45 5.35
CA GLN A 434 20.55 -2.37 5.09
C GLN A 434 20.05 -3.81 4.98
N ILE A 435 19.27 -4.25 5.95
CA ILE A 435 18.75 -5.60 5.91
C ILE A 435 17.24 -5.61 5.60
N LEU A 436 16.85 -6.30 4.53
CA LEU A 436 15.45 -6.42 4.14
C LEU A 436 14.91 -7.69 4.76
N LEU A 437 13.77 -7.59 5.42
CA LEU A 437 13.15 -8.75 6.04
C LEU A 437 11.73 -8.91 5.51
N LYS A 438 11.48 -9.99 4.78
CA LYS A 438 10.17 -10.23 4.20
C LYS A 438 9.78 -11.70 4.20
N GLY A 439 8.54 -11.96 4.59
CA GLY A 439 8.02 -13.31 4.63
C GLY A 439 6.78 -13.35 5.50
N SER A 440 5.91 -14.34 5.29
CA SER A 440 4.71 -14.43 6.11
C SER A 440 5.12 -14.17 7.53
N ASN A 441 4.22 -13.60 8.32
CA ASN A 441 4.55 -13.31 9.70
C ASN A 441 4.63 -14.63 10.46
N SER A 442 5.38 -14.65 11.55
CA SER A 442 5.54 -15.85 12.36
C SER A 442 6.12 -15.43 13.70
N ASN A 444 8.68 -16.58 15.20
CA ASN A 444 10.14 -16.48 15.02
C ASN A 444 10.59 -15.23 14.25
N LEU A 445 9.96 -14.98 13.10
CA LEU A 445 10.35 -13.82 12.33
C LEU A 445 10.28 -12.58 13.21
N ALA A 446 9.26 -12.55 14.09
CA ALA A 446 9.03 -11.44 15.01
C ALA A 446 10.12 -11.35 16.07
N LYS A 447 10.52 -12.51 16.60
CA LYS A 447 11.58 -12.56 17.60
C LYS A 447 12.88 -12.06 16.98
N LEU A 448 13.12 -12.46 15.72
CA LEU A 448 14.33 -12.07 14.99
C LEU A 448 14.43 -10.55 14.81
N VAL A 449 13.34 -9.93 14.38
CA VAL A 449 13.30 -8.50 14.19
C VAL A 449 13.59 -7.82 15.52
N GLU A 450 13.21 -8.48 16.60
CA GLU A 450 13.42 -7.96 17.95
C GLU A 450 14.85 -8.10 18.43
N SER A 451 15.52 -9.17 18.02
CA SER A 451 16.91 -9.39 18.42
C SER A 451 17.77 -8.31 17.77
N LEU A 452 17.28 -7.76 16.67
CA LEU A 452 17.99 -6.72 15.94
C LEU A 452 17.78 -5.39 16.66
N GLU A 453 16.52 -5.07 16.94
CA GLU A 453 16.14 -3.83 17.62
C GLU A 453 16.72 -3.72 19.04
N ASN A 454 16.50 -4.76 19.85
CA ASN A 454 17.02 -4.79 21.23
C ASN A 454 18.48 -4.40 21.28
#